data_2G1P
#
_entry.id   2G1P
#
_cell.length_a   46.2
_cell.length_b   71.3
_cell.length_c   97.8
_cell.angle_alpha   90.00
_cell.angle_beta   90.03
_cell.angle_gamma   90.00
#
_symmetry.space_group_name_H-M   'P 1 21 1'
#
loop_
_entity.id
_entity.type
_entity.pdbx_description
1 polymer "5'-D(*TP*CP*TP*AP*GP*AP*TP*CP*TP*AP*GP*A)-3'"
2 polymer 'DNA adenine methylase'
3 non-polymer S-ADENOSYL-L-HOMOCYSTEINE
4 non-polymer GLYCEROL
5 water water
#
loop_
_entity_poly.entity_id
_entity_poly.type
_entity_poly.pdbx_seq_one_letter_code
_entity_poly.pdbx_strand_id
1 'polydeoxyribonucleotide' (DT)(DC)(DT)(DA)(DG)(DA)(DT)(DC)(DT)(DA)(DG)(DA) F,G
2 'polypeptide(L)'
;MKKNRAFLKWAGGKYPLLDDIKRHLPKGECLVEPFVGAGSVFLNTDFSRYILADINSDLISLYNIVKMRTDEYVQAAREL
FVPETNCAEVYYQFREEFNKSQDPFRRAVLFLYLNRYGYNGLCRYNLRGEFNVPFGRYKKPYFPEAELYHFAEKAQNAFF
YCESYADSMARADDSSVVYCDPPYAPLSATANFTAYHTNSFTLEQQAHLAEIAEGLVERHIPVLISNHDTMLTREWYQRA
KLHVVKVRRSISSNGGTRKKVDELLALYKPGVVSPAKK
;
A,B
#
loop_
_chem_comp.id
_chem_comp.type
_chem_comp.name
_chem_comp.formula
DA DNA linking 2'-DEOXYADENOSINE-5'-MONOPHOSPHATE 'C10 H14 N5 O6 P'
DC DNA linking 2'-DEOXYCYTIDINE-5'-MONOPHOSPHATE 'C9 H14 N3 O7 P'
DG DNA linking 2'-DEOXYGUANOSINE-5'-MONOPHOSPHATE 'C10 H14 N5 O7 P'
DT DNA linking THYMIDINE-5'-MONOPHOSPHATE 'C10 H15 N2 O8 P'
GOL non-polymer GLYCEROL 'C3 H8 O3'
#
# COMPACT_ATOMS: atom_id res chain seq x y z
N LYS C 3 5.89 3.63 18.88
CA LYS C 3 6.76 4.49 18.03
C LYS C 3 6.02 5.72 17.51
N ASN C 4 6.77 6.78 17.28
CA ASN C 4 6.21 8.03 16.78
C ASN C 4 6.62 8.18 15.32
N ARG C 5 5.68 8.61 14.49
CA ARG C 5 5.95 8.80 13.08
C ARG C 5 6.39 10.25 12.83
N ALA C 6 7.23 10.44 11.83
CA ALA C 6 7.67 11.80 11.45
C ALA C 6 6.42 12.39 10.79
N PHE C 7 6.33 13.71 10.62
CA PHE C 7 5.14 14.24 9.97
C PHE C 7 5.37 14.39 8.45
N LEU C 8 6.62 14.26 8.02
CA LEU C 8 6.97 14.31 6.59
C LEU C 8 7.25 12.88 6.06
N LYS C 9 6.90 12.62 4.79
CA LYS C 9 7.25 11.35 4.13
C LYS C 9 8.65 11.70 3.64
N TRP C 10 9.59 10.74 3.67
CA TRP C 10 10.96 11.12 3.33
C TRP C 10 11.83 9.98 2.84
N ALA C 11 12.44 10.16 1.67
CA ALA C 11 13.33 9.14 1.13
C ALA C 11 14.44 8.94 2.14
N GLY C 12 14.66 7.70 2.52
CA GLY C 12 15.71 7.41 3.49
C GLY C 12 15.22 7.40 4.92
N GLY C 13 13.92 7.56 5.13
CA GLY C 13 13.36 7.58 6.49
C GLY C 13 13.77 6.33 7.24
N LYS C 14 14.06 6.43 8.54
CA LYS C 14 14.53 5.26 9.30
C LYS C 14 13.54 4.62 10.27
N TYR C 15 12.27 4.99 10.15
CA TYR C 15 11.26 4.42 11.03
C TYR C 15 11.40 2.88 11.15
N PRO C 16 11.51 2.17 10.01
CA PRO C 16 11.64 0.71 10.08
C PRO C 16 12.90 0.21 10.80
N LEU C 17 13.93 1.05 10.86
CA LEU C 17 15.18 0.68 11.50
C LEU C 17 15.41 1.24 12.90
N LEU C 18 14.38 1.81 13.51
CA LEU C 18 14.55 2.40 14.82
C LEU C 18 15.05 1.45 15.89
N ASP C 19 14.50 0.24 15.95
CA ASP C 19 14.94 -0.71 16.96
C ASP C 19 16.43 -1.00 16.84
N ASP C 20 16.91 -1.21 15.63
CA ASP C 20 18.33 -1.48 15.39
C ASP C 20 19.21 -0.28 15.73
N ILE C 21 18.77 0.90 15.35
CA ILE C 21 19.54 2.10 15.67
C ILE C 21 19.66 2.30 17.17
N LYS C 22 18.54 2.23 17.87
CA LYS C 22 18.57 2.45 19.29
C LYS C 22 19.38 1.41 20.02
N ARG C 23 19.43 0.18 19.49
CA ARG C 23 20.22 -0.85 20.14
C ARG C 23 21.69 -0.46 20.17
N HIS C 24 22.14 0.25 19.14
CA HIS C 24 23.55 0.62 19.09
C HIS C 24 23.87 2.08 19.34
N LEU C 25 22.88 2.89 19.67
CA LEU C 25 23.11 4.31 19.92
C LEU C 25 23.44 4.52 21.41
N PRO C 26 24.65 5.03 21.72
CA PRO C 26 25.08 5.27 23.09
C PRO C 26 24.25 6.36 23.75
N LYS C 27 24.33 6.42 25.08
CA LYS C 27 23.60 7.40 25.86
C LYS C 27 24.43 8.66 26.05
N GLY C 28 23.73 9.76 26.29
CA GLY C 28 24.41 11.04 26.49
C GLY C 28 23.36 12.10 26.72
N GLU C 29 23.83 13.32 27.01
CA GLU C 29 22.91 14.43 27.26
C GLU C 29 22.31 14.96 25.96
N CYS C 30 23.11 14.96 24.91
CA CYS C 30 22.71 15.55 23.66
C CYS C 30 22.91 14.67 22.45
N LEU C 31 21.92 14.62 21.56
CA LEU C 31 22.08 13.87 20.34
C LEU C 31 22.25 14.88 19.21
N VAL C 32 23.30 14.71 18.41
CA VAL C 32 23.53 15.55 17.26
C VAL C 32 23.17 14.74 16.00
N GLU C 33 22.28 15.27 15.15
CA GLU C 33 21.95 14.61 13.89
C GLU C 33 22.32 15.57 12.73
N PRO C 34 23.46 15.33 12.08
CA PRO C 34 23.91 16.18 10.98
C PRO C 34 23.07 16.04 9.71
N PHE C 35 22.33 14.94 9.57
CA PHE C 35 21.45 14.68 8.42
C PHE C 35 20.04 14.37 9.00
N VAL C 36 19.45 15.34 9.70
CA VAL C 36 18.18 15.08 10.37
C VAL C 36 17.03 14.57 9.50
N GLY C 37 16.96 15.03 8.26
CA GLY C 37 15.87 14.59 7.42
C GLY C 37 14.52 14.79 8.11
N ALA C 38 13.64 13.78 8.02
CA ALA C 38 12.31 13.85 8.60
C ALA C 38 12.33 13.69 10.12
N GLY C 39 13.50 13.37 10.66
CA GLY C 39 13.67 13.27 12.10
C GLY C 39 13.15 12.07 12.88
N SER C 40 13.02 10.92 12.25
CA SER C 40 12.51 9.76 13.00
C SER C 40 13.34 9.36 14.21
N VAL C 41 14.66 9.56 14.18
CA VAL C 41 15.46 9.17 15.33
C VAL C 41 15.23 10.14 16.48
N PHE C 42 15.28 11.42 16.16
CA PHE C 42 14.99 12.49 17.12
C PHE C 42 13.65 12.23 17.81
N LEU C 43 12.63 11.87 17.02
CA LEU C 43 11.29 11.66 17.51
C LEU C 43 11.04 10.40 18.32
N ASN C 44 11.99 9.48 18.27
CA ASN C 44 11.85 8.21 18.96
C ASN C 44 12.97 7.91 19.94
N THR C 45 13.61 8.96 20.44
CA THR C 45 14.67 8.81 21.44
C THR C 45 14.33 9.76 22.59
N ASP C 46 15.09 9.75 23.68
CA ASP C 46 14.75 10.67 24.76
C ASP C 46 15.95 11.35 25.36
N PHE C 47 16.71 12.05 24.50
CA PHE C 47 17.87 12.79 24.95
C PHE C 47 17.35 14.05 25.63
N SER C 48 18.14 14.62 26.54
CA SER C 48 17.71 15.85 27.22
C SER C 48 17.71 17.02 26.24
N ARG C 49 18.53 16.94 25.19
CA ARG C 49 18.55 18.03 24.20
C ARG C 49 19.07 17.51 22.86
N TYR C 50 18.75 18.23 21.77
CA TYR C 50 19.16 17.82 20.44
C TYR C 50 19.69 18.97 19.60
N ILE C 51 20.63 18.65 18.73
CA ILE C 51 21.19 19.60 17.77
C ILE C 51 20.84 18.88 16.47
N LEU C 52 19.91 19.45 15.71
CA LEU C 52 19.44 18.82 14.48
C LEU C 52 19.76 19.72 13.31
N ALA C 53 20.49 19.17 12.35
CA ALA C 53 20.93 19.94 11.20
C ALA C 53 20.67 19.23 9.89
N ASP C 54 20.63 19.99 8.81
CA ASP C 54 20.42 19.43 7.48
C ASP C 54 20.81 20.54 6.51
N ILE C 55 21.20 20.16 5.30
CA ILE C 55 21.59 21.13 4.28
C ILE C 55 20.35 21.77 3.62
N ASN C 56 19.20 21.11 3.74
CA ASN C 56 17.96 21.61 3.15
C ASN C 56 17.40 22.81 3.94
N SER C 57 17.50 24.00 3.37
CA SER C 57 17.02 25.19 4.06
C SER C 57 15.52 25.25 4.27
N ASP C 58 14.74 24.75 3.31
CA ASP C 58 13.29 24.79 3.47
C ASP C 58 12.88 23.92 4.67
N LEU C 59 13.54 22.77 4.80
CA LEU C 59 13.26 21.83 5.89
C LEU C 59 13.58 22.48 7.25
N ILE C 60 14.74 23.12 7.36
CA ILE C 60 15.11 23.71 8.65
C ILE C 60 14.18 24.86 9.00
N SER C 61 13.85 25.68 8.00
CA SER C 61 12.95 26.81 8.18
C SER C 61 11.60 26.28 8.66
N LEU C 62 11.11 25.22 8.00
CA LEU C 62 9.84 24.61 8.40
C LEU C 62 9.87 24.14 9.87
N TYR C 63 10.93 23.42 10.26
CA TYR C 63 11.03 22.95 11.63
C TYR C 63 11.03 24.08 12.65
N ASN C 64 11.70 25.19 12.35
CA ASN C 64 11.68 26.30 13.30
C ASN C 64 10.28 26.90 13.44
N ILE C 65 9.52 26.94 12.35
CA ILE C 65 8.17 27.48 12.38
C ILE C 65 7.28 26.51 13.16
N VAL C 66 7.45 25.21 12.93
CA VAL C 66 6.66 24.24 13.67
C VAL C 66 6.97 24.36 15.18
N LYS C 67 8.25 24.52 15.49
CA LYS C 67 8.69 24.66 16.88
C LYS C 67 8.12 25.91 17.56
N MET C 68 8.17 27.05 16.88
CA MET C 68 7.74 28.33 17.47
C MET C 68 6.30 28.82 17.23
N ARG C 69 5.64 28.35 16.19
CA ARG C 69 4.30 28.83 15.86
C ARG C 69 3.40 27.65 15.52
N THR C 70 3.41 26.66 16.40
CA THR C 70 2.67 25.43 16.17
C THR C 70 1.20 25.59 15.77
N ASP C 71 0.40 26.25 16.60
CA ASP C 71 -1.02 26.43 16.28
C ASP C 71 -1.27 27.16 14.96
N GLU C 72 -0.56 28.26 14.70
CA GLU C 72 -0.78 28.98 13.45
C GLU C 72 -0.45 28.10 12.26
N TYR C 73 0.65 27.37 12.38
CA TYR C 73 1.09 26.49 11.29
C TYR C 73 0.09 25.36 11.02
N VAL C 74 -0.33 24.67 12.06
CA VAL C 74 -1.26 23.55 11.87
C VAL C 74 -2.57 24.04 11.22
N GLN C 75 -3.07 25.18 11.69
CA GLN C 75 -4.33 25.74 11.17
C GLN C 75 -4.21 26.05 9.68
N ALA C 76 -3.11 26.69 9.32
CA ALA C 76 -2.88 27.06 7.94
C ALA C 76 -2.66 25.84 7.04
N ALA C 77 -1.88 24.88 7.53
CA ALA C 77 -1.59 23.69 6.75
C ALA C 77 -2.82 22.82 6.58
N ARG C 78 -3.64 22.74 7.63
CA ARG C 78 -4.83 21.92 7.57
C ARG C 78 -5.78 22.35 6.46
N GLU C 79 -5.81 23.64 6.13
CA GLU C 79 -6.71 24.10 5.08
C GLU C 79 -6.36 23.58 3.69
N LEU C 80 -5.13 23.12 3.50
CA LEU C 80 -4.74 22.61 2.20
C LEU C 80 -4.97 21.11 2.07
N PHE C 81 -5.38 20.47 3.16
CA PHE C 81 -5.64 19.03 3.11
C PHE C 81 -7.13 18.76 3.03
N VAL C 82 -7.72 19.21 1.93
CA VAL C 82 -9.14 19.06 1.67
C VAL C 82 -9.28 18.46 0.29
N PRO C 83 -10.46 17.94 -0.05
CA PRO C 83 -10.68 17.34 -1.37
C PRO C 83 -10.39 18.30 -2.52
N GLU C 84 -10.76 19.56 -2.32
CA GLU C 84 -10.62 20.57 -3.35
C GLU C 84 -9.21 20.88 -3.82
N THR C 85 -8.20 20.45 -3.08
CA THR C 85 -6.84 20.72 -3.52
C THR C 85 -6.20 19.48 -4.12
N ASN C 86 -6.96 18.38 -4.16
CA ASN C 86 -6.43 17.14 -4.69
C ASN C 86 -6.62 16.91 -6.19
N CYS C 87 -6.00 17.75 -7.00
CA CYS C 87 -6.06 17.57 -8.43
C CYS C 87 -4.84 18.22 -9.05
N ALA C 88 -4.48 17.76 -10.24
CA ALA C 88 -3.30 18.29 -10.90
C ALA C 88 -3.29 19.81 -11.03
N GLU C 89 -4.38 20.39 -11.53
CA GLU C 89 -4.44 21.82 -11.74
C GLU C 89 -4.09 22.62 -10.48
N VAL C 90 -4.68 22.25 -9.36
CA VAL C 90 -4.40 22.93 -8.11
C VAL C 90 -2.97 22.64 -7.64
N TYR C 91 -2.55 21.38 -7.68
CA TYR C 91 -1.20 21.01 -7.25
C TYR C 91 -0.14 21.86 -7.98
N TYR C 92 -0.22 21.95 -9.30
CA TYR C 92 0.81 22.71 -10.02
C TYR C 92 0.74 24.20 -9.78
N GLN C 93 -0.44 24.72 -9.46
CA GLN C 93 -0.50 26.15 -9.15
C GLN C 93 0.14 26.37 -7.77
N PHE C 94 -0.10 25.46 -6.81
CA PHE C 94 0.56 25.59 -5.51
C PHE C 94 2.07 25.38 -5.62
N ARG C 95 2.51 24.53 -6.55
CA ARG C 95 3.94 24.31 -6.70
C ARG C 95 4.60 25.60 -7.19
N GLU C 96 3.95 26.27 -8.13
CA GLU C 96 4.46 27.53 -8.67
C GLU C 96 4.40 28.61 -7.57
N GLU C 97 3.31 28.62 -6.80
CA GLU C 97 3.16 29.58 -5.71
C GLU C 97 4.36 29.45 -4.75
N PHE C 98 4.68 28.20 -4.43
CA PHE C 98 5.78 27.89 -3.54
C PHE C 98 7.10 28.37 -4.12
N ASN C 99 7.31 28.12 -5.41
CA ASN C 99 8.56 28.52 -6.03
C ASN C 99 8.71 30.03 -6.19
N LYS C 100 7.60 30.77 -6.27
CA LYS C 100 7.72 32.21 -6.41
C LYS C 100 7.76 32.94 -5.06
N SER C 101 7.27 32.29 -4.01
CA SER C 101 7.24 32.90 -2.69
C SER C 101 8.60 33.03 -2.00
N GLN C 102 8.76 34.08 -1.21
CA GLN C 102 9.99 34.30 -0.44
C GLN C 102 9.59 34.39 1.03
N ASP C 103 8.35 33.99 1.34
CA ASP C 103 7.87 34.07 2.73
C ASP C 103 8.09 32.76 3.44
N PRO C 104 8.87 32.76 4.55
CA PRO C 104 9.11 31.52 5.28
C PRO C 104 7.85 30.76 5.71
N PHE C 105 6.87 31.48 6.25
CA PHE C 105 5.66 30.82 6.71
C PHE C 105 4.87 30.14 5.58
N ARG C 106 4.60 30.88 4.51
CA ARG C 106 3.83 30.32 3.40
C ARG C 106 4.57 29.15 2.74
N ARG C 107 5.89 29.28 2.59
CA ARG C 107 6.66 28.22 1.97
C ARG C 107 6.62 26.98 2.85
N ALA C 108 6.69 27.18 4.17
CA ALA C 108 6.64 26.06 5.12
C ALA C 108 5.31 25.33 5.02
N VAL C 109 4.23 26.09 4.94
CA VAL C 109 2.90 25.52 4.83
C VAL C 109 2.79 24.73 3.52
N LEU C 110 3.21 25.34 2.42
CA LEU C 110 3.13 24.65 1.15
C LEU C 110 4.08 23.45 1.06
N PHE C 111 5.18 23.51 1.80
CA PHE C 111 6.14 22.40 1.79
C PHE C 111 5.45 21.09 2.22
N LEU C 112 4.64 21.14 3.27
CA LEU C 112 3.94 19.94 3.76
C LEU C 112 2.92 19.44 2.73
N TYR C 113 2.20 20.37 2.11
CA TYR C 113 1.23 20.03 1.07
C TYR C 113 1.95 19.29 -0.06
N LEU C 114 3.01 19.89 -0.57
CA LEU C 114 3.77 19.27 -1.66
C LEU C 114 4.36 17.92 -1.26
N ASN C 115 4.78 17.79 -0.03
CA ASN C 115 5.39 16.55 0.44
C ASN C 115 4.37 15.40 0.44
N ARG C 116 3.11 15.70 0.70
CA ARG C 116 2.10 14.65 0.75
C ARG C 116 1.14 14.52 -0.42
N TYR C 117 1.16 15.50 -1.33
CA TYR C 117 0.31 15.44 -2.52
C TYR C 117 1.19 15.19 -3.74
N GLY C 118 2.50 15.33 -3.55
CA GLY C 118 3.44 15.14 -4.64
C GLY C 118 3.83 13.68 -4.82
N TYR C 119 4.53 13.40 -5.90
CA TYR C 119 4.96 12.05 -6.24
C TYR C 119 5.85 11.35 -5.21
N ASN C 120 5.30 10.33 -4.54
CA ASN C 120 6.04 9.53 -3.59
C ASN C 120 6.83 10.23 -2.49
N GLY C 121 6.35 11.40 -2.07
CA GLY C 121 7.03 12.11 -1.01
C GLY C 121 8.41 12.64 -1.37
N LEU C 122 8.70 12.71 -2.66
CA LEU C 122 9.98 13.24 -3.09
C LEU C 122 10.12 14.71 -2.72
N CYS C 123 11.36 15.13 -2.51
CA CYS C 123 11.68 16.53 -2.26
C CYS C 123 12.86 16.71 -3.24
N ARG C 124 12.61 17.40 -4.34
CA ARG C 124 13.61 17.56 -5.38
C ARG C 124 13.53 18.96 -5.96
N TYR C 125 14.69 19.53 -6.27
CA TYR C 125 14.76 20.88 -6.82
C TYR C 125 15.66 20.88 -8.05
N ASN C 126 15.49 21.84 -8.96
CA ASN C 126 16.40 21.92 -10.10
C ASN C 126 17.52 22.88 -9.68
N LEU C 127 18.46 23.14 -10.58
CA LEU C 127 19.61 23.99 -10.26
C LEU C 127 19.26 25.43 -9.97
N ARG C 128 18.05 25.85 -10.35
CA ARG C 128 17.61 27.22 -10.07
C ARG C 128 16.94 27.30 -8.70
N GLY C 129 16.95 26.19 -7.97
CA GLY C 129 16.34 26.16 -6.65
C GLY C 129 14.82 25.97 -6.65
N GLU C 130 14.24 25.57 -7.78
CA GLU C 130 12.80 25.37 -7.88
C GLU C 130 12.40 23.91 -7.61
N PHE C 131 11.38 23.72 -6.79
CA PHE C 131 10.85 22.40 -6.44
C PHE C 131 10.17 21.88 -7.72
N ASN C 132 10.55 20.68 -8.16
CA ASN C 132 9.97 20.18 -9.40
C ASN C 132 9.43 18.75 -9.36
N VAL C 133 8.83 18.40 -8.23
CA VAL C 133 8.21 17.07 -8.07
C VAL C 133 6.79 17.14 -8.63
N PRO C 134 6.40 16.18 -9.51
CA PRO C 134 5.07 16.18 -10.09
C PRO C 134 3.98 15.74 -9.10
N PHE C 135 2.73 15.79 -9.57
CA PHE C 135 1.56 15.42 -8.78
C PHE C 135 1.60 13.92 -8.46
N GLY C 136 1.20 13.54 -7.24
CA GLY C 136 1.24 12.14 -6.86
C GLY C 136 -0.06 11.33 -6.98
N ARG C 137 -1.15 11.99 -7.32
CA ARG C 137 -2.46 11.33 -7.49
C ARG C 137 -2.90 10.40 -6.38
N TYR C 138 -2.84 10.83 -5.13
CA TYR C 138 -3.29 9.99 -4.03
C TYR C 138 -4.80 10.10 -3.80
N LYS C 139 -5.41 9.04 -3.28
CA LYS C 139 -6.84 9.10 -3.01
C LYS C 139 -7.14 10.17 -1.95
N LYS C 140 -6.37 10.17 -0.86
CA LYS C 140 -6.57 11.11 0.24
C LYS C 140 -5.32 11.23 1.10
N PRO C 141 -4.43 12.19 0.77
CA PRO C 141 -3.21 12.34 1.59
C PRO C 141 -3.55 12.51 3.06
N TYR C 142 -2.80 11.84 3.91
CA TYR C 142 -2.98 11.93 5.36
C TYR C 142 -2.43 13.27 5.91
N PHE C 143 -3.24 14.00 6.69
CA PHE C 143 -2.77 15.26 7.30
C PHE C 143 -2.17 14.83 8.65
N PRO C 144 -0.86 14.98 8.83
CA PRO C 144 -0.22 14.57 10.09
C PRO C 144 -0.38 15.49 11.29
N GLU C 145 -1.61 15.79 11.67
CA GLU C 145 -1.85 16.68 12.81
C GLU C 145 -1.22 16.21 14.12
N ALA C 146 -1.43 14.95 14.50
CA ALA C 146 -0.86 14.45 15.75
C ALA C 146 0.68 14.48 15.71
N GLU C 147 1.24 14.13 14.56
CA GLU C 147 2.69 14.11 14.41
C GLU C 147 3.29 15.51 14.50
N LEU C 148 2.57 16.51 14.01
CA LEU C 148 3.04 17.88 14.06
C LEU C 148 3.13 18.37 15.50
N TYR C 149 2.09 18.07 16.28
CA TYR C 149 2.11 18.50 17.68
C TYR C 149 3.18 17.79 18.47
N HIS C 150 3.38 16.51 18.20
CA HIS C 150 4.41 15.77 18.92
C HIS C 150 5.78 16.34 18.56
N PHE C 151 5.99 16.57 17.26
CA PHE C 151 7.26 17.13 16.80
C PHE C 151 7.50 18.46 17.55
N ALA C 152 6.50 19.34 17.55
CA ALA C 152 6.64 20.64 18.21
C ALA C 152 6.98 20.50 19.69
N GLU C 153 6.36 19.52 20.34
CA GLU C 153 6.61 19.29 21.76
C GLU C 153 8.07 18.89 21.95
N LYS C 154 8.52 17.89 21.20
CA LYS C 154 9.91 17.42 21.31
C LYS C 154 10.89 18.53 20.92
N ALA C 155 10.49 19.35 19.97
CA ALA C 155 11.33 20.44 19.47
C ALA C 155 11.64 21.50 20.54
N GLN C 156 10.91 21.50 21.65
CA GLN C 156 11.20 22.48 22.68
C GLN C 156 12.61 22.28 23.25
N ASN C 157 13.18 21.10 23.07
CA ASN C 157 14.53 20.86 23.59
C ASN C 157 15.55 20.72 22.47
N ALA C 158 15.21 21.22 21.29
CA ALA C 158 16.11 21.14 20.14
C ALA C 158 16.42 22.49 19.53
N PHE C 159 17.53 22.52 18.80
CA PHE C 159 17.91 23.68 18.02
C PHE C 159 18.12 23.11 16.63
N PHE C 160 17.60 23.80 15.61
CA PHE C 160 17.72 23.39 14.23
C PHE C 160 18.71 24.30 13.50
N TYR C 161 19.60 23.71 12.71
CA TYR C 161 20.58 24.49 11.97
C TYR C 161 20.62 24.05 10.51
N CYS C 162 20.74 25.03 9.61
CA CYS C 162 20.86 24.72 8.20
C CYS C 162 22.35 24.88 7.91
N GLU C 163 23.06 23.76 7.87
CA GLU C 163 24.50 23.77 7.62
C GLU C 163 24.89 22.36 7.19
N SER C 164 26.06 22.26 6.56
CA SER C 164 26.54 20.98 6.08
C SER C 164 27.09 20.16 7.26
N TYR C 165 27.18 18.85 7.09
CA TYR C 165 27.61 17.95 8.15
C TYR C 165 28.91 18.29 8.88
N ALA C 166 29.93 18.74 8.16
CA ALA C 166 31.18 19.05 8.87
C ALA C 166 30.94 20.14 9.90
N ASP C 167 30.03 21.07 9.60
CA ASP C 167 29.80 22.15 10.53
C ASP C 167 28.97 21.77 11.75
N SER C 168 27.95 20.94 11.57
CA SER C 168 27.14 20.55 12.73
C SER C 168 27.91 19.58 13.64
N MET C 169 28.71 18.69 13.05
CA MET C 169 29.47 17.74 13.84
C MET C 169 30.53 18.47 14.68
N ALA C 170 30.95 19.66 14.22
CA ALA C 170 31.92 20.44 15.00
C ALA C 170 31.26 20.98 16.29
N ARG C 171 29.94 20.90 16.36
CA ARG C 171 29.19 21.37 17.54
C ARG C 171 29.15 20.33 18.65
N ALA C 172 29.46 19.09 18.34
CA ALA C 172 29.44 18.04 19.36
C ALA C 172 30.51 18.28 20.42
N ASP C 173 30.22 17.93 21.66
CA ASP C 173 31.18 18.06 22.74
C ASP C 173 31.11 16.83 23.65
N ASP C 174 31.82 16.90 24.78
CA ASP C 174 31.89 15.82 25.77
C ASP C 174 30.62 15.02 26.03
N SER C 175 29.50 15.72 26.13
CA SER C 175 28.23 15.10 26.45
C SER C 175 27.39 14.79 25.22
N SER C 176 27.98 14.81 24.04
CA SER C 176 27.21 14.54 22.84
C SER C 176 27.38 13.13 22.30
N VAL C 177 26.36 12.68 21.58
CA VAL C 177 26.36 11.42 20.85
C VAL C 177 25.94 11.88 19.47
N VAL C 178 26.64 11.42 18.44
CA VAL C 178 26.32 11.85 17.08
C VAL C 178 25.74 10.71 16.24
N TYR C 179 24.57 10.93 15.65
CA TYR C 179 23.98 9.91 14.78
C TYR C 179 23.94 10.48 13.37
N CYS C 180 24.63 9.80 12.44
CA CYS C 180 24.71 10.23 11.04
C CYS C 180 23.99 9.32 10.07
N ASP C 181 23.08 9.88 9.29
CA ASP C 181 22.36 9.11 8.28
C ASP C 181 22.52 9.82 6.94
N PRO C 182 23.71 9.75 6.36
CA PRO C 182 23.96 10.42 5.07
C PRO C 182 23.17 9.81 3.92
N PRO C 183 23.05 10.54 2.79
CA PRO C 183 22.35 10.01 1.63
C PRO C 183 23.00 8.65 1.37
N TYR C 184 22.22 7.66 0.96
CA TYR C 184 22.79 6.31 0.75
C TYR C 184 23.97 6.24 -0.22
N ALA C 185 24.89 5.31 0.04
CA ALA C 185 26.06 5.11 -0.82
C ALA C 185 25.57 4.32 -2.04
N PRO C 186 26.23 4.50 -3.20
CA PRO C 186 25.84 3.78 -4.42
C PRO C 186 25.74 2.29 -4.17
N LEU C 187 24.63 1.68 -4.55
CA LEU C 187 24.44 0.25 -4.34
C LEU C 187 25.42 -0.55 -5.18
N ASN C 199 24.80 20.77 -6.23
CA ASN C 199 25.58 19.55 -6.10
C ASN C 199 24.80 18.47 -5.37
N SER C 200 25.42 17.29 -5.23
CA SER C 200 24.80 16.16 -4.53
C SER C 200 25.81 15.68 -3.48
N PHE C 201 25.54 14.55 -2.84
CA PHE C 201 26.44 14.01 -1.82
C PHE C 201 27.47 13.10 -2.48
N THR C 202 28.71 13.55 -2.57
CA THR C 202 29.77 12.79 -3.23
C THR C 202 30.41 11.66 -2.44
N LEU C 203 31.11 10.79 -3.16
CA LEU C 203 31.80 9.68 -2.52
C LEU C 203 32.92 10.27 -1.66
N GLU C 204 33.40 11.46 -2.03
CA GLU C 204 34.44 12.09 -1.22
C GLU C 204 33.84 12.58 0.09
N GLN C 205 32.65 13.14 0.04
CA GLN C 205 32.01 13.59 1.26
C GLN C 205 31.67 12.36 2.11
N GLN C 206 31.34 11.24 1.46
CA GLN C 206 31.03 10.02 2.20
C GLN C 206 32.26 9.60 3.00
N ALA C 207 33.42 9.67 2.36
CA ALA C 207 34.69 9.28 2.98
C ALA C 207 35.06 10.30 4.05
N HIS C 208 34.86 11.57 3.73
CA HIS C 208 35.16 12.67 4.64
C HIS C 208 34.32 12.52 5.93
N LEU C 209 33.07 12.09 5.79
CA LEU C 209 32.19 11.92 6.93
C LEU C 209 32.83 10.95 7.93
N ALA C 210 33.37 9.84 7.41
CA ALA C 210 33.99 8.81 8.25
C ALA C 210 35.23 9.35 8.93
N GLU C 211 35.96 10.21 8.22
CA GLU C 211 37.17 10.84 8.75
C GLU C 211 36.81 11.70 9.97
N ILE C 212 35.73 12.46 9.86
CA ILE C 212 35.29 13.30 10.97
C ILE C 212 34.88 12.41 12.15
N ALA C 213 34.20 11.31 11.84
CA ALA C 213 33.79 10.41 12.93
C ALA C 213 35.00 9.90 13.67
N GLU C 214 36.05 9.54 12.93
CA GLU C 214 37.27 9.04 13.55
C GLU C 214 37.88 10.11 14.48
N GLY C 215 37.79 11.36 14.05
CA GLY C 215 38.30 12.46 14.84
C GLY C 215 37.47 12.70 16.10
N LEU C 216 36.16 12.51 16.00
CA LEU C 216 35.29 12.70 17.16
C LEU C 216 35.51 11.61 18.21
N VAL C 217 35.58 10.34 17.79
CA VAL C 217 35.76 9.27 18.77
C VAL C 217 37.13 9.37 19.44
N GLU C 218 38.14 9.86 18.71
CA GLU C 218 39.48 10.06 19.29
C GLU C 218 39.30 11.00 20.48
N ARG C 219 38.30 11.88 20.39
CA ARG C 219 38.00 12.85 21.44
C ARG C 219 36.94 12.38 22.42
N HIS C 220 36.67 11.08 22.41
CA HIS C 220 35.70 10.46 23.29
C HIS C 220 34.24 10.81 23.05
N ILE C 221 33.91 11.14 21.79
CA ILE C 221 32.52 11.44 21.42
C ILE C 221 32.12 10.29 20.50
N PRO C 222 31.13 9.49 20.92
CA PRO C 222 30.69 8.35 20.11
C PRO C 222 29.88 8.78 18.89
N VAL C 223 30.03 8.02 17.81
CA VAL C 223 29.33 8.32 16.57
C VAL C 223 28.77 7.01 16.00
N LEU C 224 27.53 7.07 15.55
CA LEU C 224 26.90 5.91 14.91
C LEU C 224 26.51 6.38 13.53
N ILE C 225 26.90 5.64 12.49
CA ILE C 225 26.57 6.00 11.12
C ILE C 225 25.78 4.86 10.48
N SER C 226 24.72 5.20 9.75
CA SER C 226 23.93 4.18 9.08
C SER C 226 24.11 4.41 7.58
N ASN C 227 24.18 3.31 6.83
CA ASN C 227 24.34 3.38 5.38
C ASN C 227 24.07 1.97 4.83
N HIS C 228 24.14 1.81 3.51
CA HIS C 228 23.95 0.48 2.93
C HIS C 228 25.22 -0.30 3.23
N ASP C 229 25.12 -1.62 3.22
CA ASP C 229 26.27 -2.47 3.46
C ASP C 229 26.90 -2.84 2.10
N THR C 230 27.91 -2.09 1.69
CA THR C 230 28.59 -2.35 0.41
C THR C 230 30.09 -2.43 0.67
N MET C 231 30.84 -2.82 -0.35
CA MET C 231 32.29 -2.91 -0.21
C MET C 231 32.90 -1.54 0.03
N LEU C 232 32.25 -0.50 -0.46
CA LEU C 232 32.76 0.88 -0.28
C LEU C 232 32.56 1.34 1.16
N THR C 233 31.36 1.10 1.70
CA THR C 233 31.06 1.53 3.06
C THR C 233 31.88 0.73 4.07
N ARG C 234 32.18 -0.53 3.75
CA ARG C 234 32.99 -1.35 4.66
C ARG C 234 34.38 -0.73 4.75
N GLU C 235 34.84 -0.16 3.62
CA GLU C 235 36.15 0.48 3.56
C GLU C 235 36.14 1.84 4.27
N TRP C 236 35.11 2.65 4.02
CA TRP C 236 35.03 3.96 4.66
C TRP C 236 34.97 3.83 6.18
N TYR C 237 34.17 2.89 6.65
CA TYR C 237 33.96 2.67 8.08
C TYR C 237 34.85 1.57 8.67
N GLN C 238 36.04 1.39 8.09
CA GLN C 238 36.97 0.36 8.57
C GLN C 238 37.38 0.52 10.03
N ARG C 239 37.36 1.74 10.54
CA ARG C 239 37.75 1.97 11.92
C ARG C 239 36.62 1.79 12.93
N ALA C 240 35.43 1.41 12.46
CA ALA C 240 34.29 1.23 13.34
C ALA C 240 33.93 -0.23 13.58
N LYS C 241 33.06 -0.43 14.57
CA LYS C 241 32.51 -1.75 14.92
C LYS C 241 31.25 -1.81 14.03
N LEU C 242 31.24 -2.77 13.10
CA LEU C 242 30.13 -2.90 12.16
C LEU C 242 29.03 -3.88 12.53
N HIS C 243 27.79 -3.46 12.34
CA HIS C 243 26.64 -4.32 12.62
C HIS C 243 25.75 -4.36 11.39
N VAL C 244 25.46 -5.57 10.91
CA VAL C 244 24.62 -5.73 9.74
C VAL C 244 23.17 -5.95 10.12
N VAL C 245 22.27 -5.24 9.46
CA VAL C 245 20.84 -5.38 9.71
C VAL C 245 20.16 -5.98 8.48
N LYS C 246 19.33 -6.99 8.72
CA LYS C 246 18.58 -7.69 7.67
C LYS C 246 19.53 -8.24 6.61
N LYS C 260 17.50 -5.79 -2.91
CA LYS C 260 17.72 -4.98 -1.71
C LYS C 260 18.95 -5.42 -0.91
N VAL C 261 19.83 -4.46 -0.63
CA VAL C 261 21.06 -4.71 0.12
C VAL C 261 20.84 -4.54 1.61
N ASP C 262 21.66 -5.21 2.41
CA ASP C 262 21.55 -5.10 3.86
C ASP C 262 21.97 -3.71 4.32
N GLU C 263 21.54 -3.34 5.52
CA GLU C 263 21.89 -2.04 6.07
C GLU C 263 23.06 -2.27 7.02
N LEU C 264 23.93 -1.27 7.12
CA LEU C 264 25.10 -1.33 7.97
C LEU C 264 25.04 -0.20 9.00
N LEU C 265 25.36 -0.51 10.26
CA LEU C 265 25.41 0.48 11.33
C LEU C 265 26.86 0.45 11.80
N ALA C 266 27.57 1.55 11.58
CA ALA C 266 28.96 1.63 11.98
C ALA C 266 29.07 2.45 13.27
N LEU C 267 29.51 1.78 14.33
CA LEU C 267 29.65 2.43 15.62
C LEU C 267 31.09 2.78 15.96
N TYR C 268 31.36 4.07 16.21
CA TYR C 268 32.69 4.52 16.63
C TYR C 268 32.51 4.80 18.11
N LYS C 269 32.94 3.89 18.95
CA LYS C 269 32.76 4.05 20.40
C LYS C 269 34.09 4.30 21.09
N PRO C 270 34.15 5.32 21.97
CA PRO C 270 35.37 5.66 22.70
C PRO C 270 35.79 4.48 23.60
N LYS D 3 -27.11 -22.14 3.67
CA LYS D 3 -26.09 -21.32 2.92
C LYS D 3 -24.74 -22.02 2.78
N ASN D 4 -24.22 -22.02 1.57
CA ASN D 4 -22.94 -22.65 1.29
C ASN D 4 -21.88 -21.57 1.18
N ARG D 5 -20.76 -21.79 1.86
CA ARG D 5 -19.67 -20.83 1.83
C ARG D 5 -18.76 -21.11 0.62
N ALA D 6 -18.15 -20.07 0.09
CA ALA D 6 -17.17 -20.18 -1.01
C ALA D 6 -15.93 -20.80 -0.34
N PHE D 7 -15.01 -21.42 -1.09
CA PHE D 7 -13.81 -21.96 -0.42
C PHE D 7 -12.68 -20.90 -0.37
N LEU D 8 -12.84 -19.82 -1.12
CA LEU D 8 -11.88 -18.71 -1.09
C LEU D 8 -12.44 -17.52 -0.27
N LYS D 9 -11.54 -16.78 0.40
CA LYS D 9 -11.93 -15.54 1.11
C LYS D 9 -11.78 -14.56 -0.06
N TRP D 10 -12.66 -13.55 -0.18
CA TRP D 10 -12.60 -12.69 -1.35
C TRP D 10 -13.20 -11.30 -1.14
N ALA D 11 -12.42 -10.28 -1.49
CA ALA D 11 -12.87 -8.88 -1.40
C ALA D 11 -14.10 -8.78 -2.29
N GLY D 12 -15.18 -8.22 -1.78
CA GLY D 12 -16.40 -8.11 -2.55
C GLY D 12 -17.31 -9.34 -2.44
N GLY D 13 -16.97 -10.30 -1.59
CA GLY D 13 -17.78 -11.51 -1.44
C GLY D 13 -19.22 -11.14 -1.10
N LYS D 14 -20.17 -11.82 -1.72
CA LYS D 14 -21.59 -11.49 -1.51
C LYS D 14 -22.39 -12.40 -0.56
N TYR D 15 -21.70 -13.27 0.16
CA TYR D 15 -22.39 -14.16 1.08
C TYR D 15 -23.42 -13.41 1.95
N PRO D 16 -23.05 -12.25 2.51
CA PRO D 16 -24.02 -11.53 3.34
C PRO D 16 -25.26 -11.02 2.59
N LEU D 17 -25.13 -10.80 1.28
CA LEU D 17 -26.23 -10.27 0.46
C LEU D 17 -26.98 -11.32 -0.36
N LEU D 18 -26.75 -12.60 -0.08
CA LEU D 18 -27.42 -13.64 -0.87
C LEU D 18 -28.95 -13.58 -0.82
N ASP D 19 -29.52 -13.33 0.35
CA ASP D 19 -30.97 -13.27 0.43
C ASP D 19 -31.53 -12.17 -0.47
N ASP D 20 -30.91 -10.98 -0.46
CA ASP D 20 -31.34 -9.86 -1.29
C ASP D 20 -31.13 -10.14 -2.79
N ILE D 21 -30.00 -10.74 -3.13
CA ILE D 21 -29.74 -11.07 -4.53
C ILE D 21 -30.78 -12.05 -5.05
N LYS D 22 -30.95 -13.15 -4.35
CA LYS D 22 -31.89 -14.17 -4.77
C LYS D 22 -33.31 -13.64 -4.88
N ARG D 23 -33.64 -12.67 -4.04
CA ARG D 23 -34.96 -12.08 -4.06
C ARG D 23 -35.24 -11.39 -5.40
N HIS D 24 -34.20 -10.82 -6.01
CA HIS D 24 -34.39 -10.13 -7.27
C HIS D 24 -33.83 -10.83 -8.51
N LEU D 25 -33.24 -12.00 -8.33
CA LEU D 25 -32.65 -12.73 -9.45
C LEU D 25 -33.70 -13.58 -10.16
N PRO D 26 -34.03 -13.25 -11.44
CA PRO D 26 -35.02 -13.99 -12.22
C PRO D 26 -34.62 -15.44 -12.41
N LYS D 27 -35.57 -16.24 -12.86
CA LYS D 27 -35.33 -17.65 -13.11
C LYS D 27 -34.97 -17.90 -14.56
N GLY D 28 -34.24 -18.98 -14.80
CA GLY D 28 -33.85 -19.32 -16.16
C GLY D 28 -33.10 -20.62 -16.10
N GLU D 29 -32.73 -21.14 -17.27
CA GLU D 29 -31.99 -22.39 -17.34
C GLU D 29 -30.53 -22.19 -16.95
N CYS D 30 -29.99 -21.02 -17.31
CA CYS D 30 -28.58 -20.75 -17.11
C CYS D 30 -28.27 -19.42 -16.46
N LEU D 31 -27.31 -19.43 -15.55
CA LEU D 31 -26.90 -18.18 -14.92
C LEU D 31 -25.51 -17.89 -15.45
N VAL D 32 -25.34 -16.67 -15.94
CA VAL D 32 -24.06 -16.19 -16.42
C VAL D 32 -23.50 -15.21 -15.37
N GLU D 33 -22.29 -15.45 -14.86
CA GLU D 33 -21.67 -14.53 -13.91
C GLU D 33 -20.37 -14.01 -14.56
N PRO D 34 -20.40 -12.79 -15.11
CA PRO D 34 -19.18 -12.25 -15.75
C PRO D 34 -18.04 -11.93 -14.78
N PHE D 35 -18.38 -11.73 -13.50
CA PHE D 35 -17.40 -11.42 -12.45
C PHE D 35 -17.57 -12.48 -11.34
N VAL D 36 -17.36 -13.75 -11.65
CA VAL D 36 -17.62 -14.81 -10.66
C VAL D 36 -16.90 -14.66 -9.31
N GLY D 37 -15.67 -14.17 -9.32
CA GLY D 37 -14.96 -14.04 -8.05
C GLY D 37 -14.97 -15.38 -7.32
N ALA D 38 -15.27 -15.36 -6.02
CA ALA D 38 -15.30 -16.56 -5.18
C ALA D 38 -16.52 -17.46 -5.41
N GLY D 39 -17.48 -16.97 -6.19
CA GLY D 39 -18.64 -17.78 -6.56
C GLY D 39 -19.78 -18.01 -5.58
N SER D 40 -19.96 -17.11 -4.63
CA SER D 40 -21.03 -17.28 -3.66
C SER D 40 -22.41 -17.38 -4.28
N VAL D 41 -22.65 -16.66 -5.39
CA VAL D 41 -23.98 -16.73 -5.98
C VAL D 41 -24.16 -18.09 -6.64
N PHE D 42 -23.18 -18.49 -7.45
CA PHE D 42 -23.17 -19.80 -8.10
C PHE D 42 -23.46 -20.91 -7.09
N LEU D 43 -22.77 -20.82 -5.95
CA LEU D 43 -22.85 -21.80 -4.88
C LEU D 43 -24.13 -21.83 -4.08
N ASN D 44 -24.93 -20.78 -4.21
CA ASN D 44 -26.18 -20.69 -3.46
C ASN D 44 -27.42 -20.49 -4.30
N THR D 45 -27.38 -20.98 -5.54
CA THR D 45 -28.52 -20.91 -6.44
C THR D 45 -28.71 -22.30 -7.04
N ASP D 46 -29.80 -22.52 -7.77
CA ASP D 46 -30.06 -23.84 -8.33
C ASP D 46 -30.33 -23.84 -9.82
N PHE D 47 -29.49 -23.18 -10.60
CA PHE D 47 -29.69 -23.16 -12.03
C PHE D 47 -29.27 -24.51 -12.60
N SER D 48 -29.81 -24.90 -13.76
CA SER D 48 -29.45 -26.18 -14.38
C SER D 48 -28.02 -26.15 -14.95
N ARG D 49 -27.53 -24.96 -15.27
CA ARG D 49 -26.15 -24.84 -15.76
C ARG D 49 -25.64 -23.41 -15.51
N TYR D 50 -24.32 -23.22 -15.50
CA TYR D 50 -23.72 -21.91 -15.24
C TYR D 50 -22.57 -21.60 -16.21
N ILE D 51 -22.41 -20.34 -16.55
CA ILE D 51 -21.29 -19.89 -17.37
C ILE D 51 -20.64 -18.91 -16.40
N LEU D 52 -19.49 -19.31 -15.87
CA LEU D 52 -18.81 -18.50 -14.86
C LEU D 52 -17.53 -17.96 -15.41
N ALA D 53 -17.37 -16.65 -15.38
CA ALA D 53 -16.16 -16.06 -15.93
C ALA D 53 -15.55 -15.00 -15.03
N ASP D 54 -14.29 -14.70 -15.29
CA ASP D 54 -13.57 -13.70 -14.50
C ASP D 54 -12.30 -13.39 -15.27
N ILE D 55 -11.77 -12.19 -15.08
CA ILE D 55 -10.54 -11.78 -15.76
C ILE D 55 -9.29 -12.44 -15.12
N ASN D 56 -9.43 -12.86 -13.86
CA ASN D 56 -8.32 -13.47 -13.14
C ASN D 56 -8.02 -14.89 -13.66
N SER D 57 -6.90 -15.04 -14.37
CA SER D 57 -6.55 -16.35 -14.93
C SER D 57 -6.19 -17.40 -13.90
N ASP D 58 -5.54 -16.99 -12.81
CA ASP D 58 -5.17 -17.93 -11.76
C ASP D 58 -6.45 -18.53 -11.17
N LEU D 59 -7.45 -17.68 -10.99
CA LEU D 59 -8.73 -18.11 -10.42
C LEU D 59 -9.46 -19.12 -11.33
N ILE D 60 -9.56 -18.80 -12.62
CA ILE D 60 -10.25 -19.70 -13.52
C ILE D 60 -9.53 -21.03 -13.66
N SER D 61 -8.19 -20.98 -13.75
CA SER D 61 -7.39 -22.20 -13.83
C SER D 61 -7.67 -23.07 -12.60
N LEU D 62 -7.60 -22.43 -11.43
CA LEU D 62 -7.88 -23.12 -10.17
C LEU D 62 -9.25 -23.81 -10.22
N TYR D 63 -10.29 -23.08 -10.65
CA TYR D 63 -11.63 -23.66 -10.71
C TYR D 63 -11.74 -24.87 -11.62
N ASN D 64 -11.07 -24.83 -12.76
CA ASN D 64 -11.13 -25.99 -13.65
C ASN D 64 -10.45 -27.20 -13.02
N ILE D 65 -9.38 -26.95 -12.26
CA ILE D 65 -8.64 -28.03 -11.61
C ILE D 65 -9.51 -28.62 -10.49
N VAL D 66 -10.18 -27.76 -9.72
CA VAL D 66 -11.05 -28.26 -8.65
C VAL D 66 -12.20 -29.06 -9.28
N LYS D 67 -12.71 -28.58 -10.42
CA LYS D 67 -13.78 -29.25 -11.13
C LYS D 67 -13.35 -30.64 -11.65
N MET D 68 -12.20 -30.71 -12.30
CA MET D 68 -11.75 -31.96 -12.91
C MET D 68 -10.86 -32.93 -12.12
N ARG D 69 -10.13 -32.41 -11.14
CA ARG D 69 -9.19 -33.23 -10.36
C ARG D 69 -9.38 -32.98 -8.88
N THR D 70 -10.62 -33.07 -8.42
CA THR D 70 -10.92 -32.76 -7.05
C THR D 70 -10.09 -33.45 -5.99
N ASP D 71 -10.07 -34.79 -6.03
CA ASP D 71 -9.31 -35.54 -5.04
C ASP D 71 -7.82 -35.19 -5.04
N GLU D 72 -7.20 -35.11 -6.21
CA GLU D 72 -5.76 -34.79 -6.21
C GLU D 72 -5.53 -33.42 -5.62
N TYR D 73 -6.42 -32.48 -5.96
CA TYR D 73 -6.26 -31.12 -5.48
C TYR D 73 -6.43 -30.99 -3.97
N VAL D 74 -7.50 -31.55 -3.44
CA VAL D 74 -7.75 -31.47 -2.01
C VAL D 74 -6.59 -32.07 -1.22
N GLN D 75 -6.04 -33.17 -1.71
CA GLN D 75 -4.93 -33.85 -1.04
C GLN D 75 -3.67 -33.00 -1.01
N ALA D 76 -3.35 -32.40 -2.15
CA ALA D 76 -2.17 -31.55 -2.25
C ALA D 76 -2.31 -30.29 -1.40
N ALA D 77 -3.47 -29.66 -1.50
CA ALA D 77 -3.73 -28.43 -0.76
C ALA D 77 -3.77 -28.65 0.75
N ARG D 78 -4.36 -29.76 1.18
CA ARG D 78 -4.45 -30.05 2.60
C ARG D 78 -3.10 -30.14 3.28
N GLU D 79 -2.07 -30.55 2.55
CA GLU D 79 -0.76 -30.68 3.17
C GLU D 79 -0.14 -29.33 3.54
N LEU D 80 -0.62 -28.25 2.94
CA LEU D 80 -0.06 -26.94 3.25
C LEU D 80 -0.77 -26.27 4.41
N PHE D 81 -1.86 -26.87 4.88
CA PHE D 81 -2.61 -26.29 5.98
C PHE D 81 -2.25 -27.01 7.27
N VAL D 82 -0.99 -26.88 7.66
CA VAL D 82 -0.49 -27.50 8.87
C VAL D 82 0.20 -26.41 9.66
N PRO D 83 0.49 -26.66 10.95
CA PRO D 83 1.16 -25.66 11.78
C PRO D 83 2.51 -25.24 11.20
N GLU D 84 3.21 -26.21 10.62
CA GLU D 84 4.54 -26.00 10.06
C GLU D 84 4.65 -25.00 8.90
N THR D 85 3.53 -24.58 8.33
CA THR D 85 3.61 -23.63 7.23
C THR D 85 3.11 -22.27 7.69
N ASN D 86 2.75 -22.17 8.97
CA ASN D 86 2.22 -20.93 9.46
C ASN D 86 3.26 -19.97 10.04
N CYS D 87 4.17 -19.51 9.21
CA CYS D 87 5.14 -18.53 9.67
C CYS D 87 5.60 -17.71 8.49
N ALA D 88 6.11 -16.52 8.77
CA ALA D 88 6.55 -15.63 7.70
C ALA D 88 7.60 -16.23 6.75
N GLU D 89 8.64 -16.86 7.30
CA GLU D 89 9.68 -17.42 6.44
C GLU D 89 9.15 -18.44 5.43
N VAL D 90 8.23 -19.29 5.87
CA VAL D 90 7.64 -20.29 4.97
C VAL D 90 6.67 -19.60 3.99
N TYR D 91 5.82 -18.74 4.51
CA TYR D 91 4.87 -18.03 3.63
C TYR D 91 5.59 -17.33 2.46
N TYR D 92 6.64 -16.56 2.76
CA TYR D 92 7.33 -15.84 1.68
C TYR D 92 8.09 -16.76 0.72
N GLN D 93 8.49 -17.93 1.18
CA GLN D 93 9.16 -18.84 0.26
C GLN D 93 8.08 -19.42 -0.67
N PHE D 94 6.90 -19.74 -0.13
CA PHE D 94 5.80 -20.25 -0.97
C PHE D 94 5.28 -19.15 -1.91
N ARG D 95 5.32 -17.89 -1.48
CA ARG D 95 4.84 -16.83 -2.36
C ARG D 95 5.79 -16.76 -3.56
N GLU D 96 7.08 -16.89 -3.28
CA GLU D 96 8.10 -16.89 -4.33
C GLU D 96 7.95 -18.12 -5.23
N GLU D 97 7.74 -19.29 -4.63
CA GLU D 97 7.56 -20.54 -5.38
C GLU D 97 6.38 -20.34 -6.37
N PHE D 98 5.31 -19.75 -5.86
CA PHE D 98 4.12 -19.49 -6.67
C PHE D 98 4.44 -18.58 -7.85
N ASN D 99 5.14 -17.48 -7.58
CA ASN D 99 5.48 -16.55 -8.65
C ASN D 99 6.44 -17.12 -9.69
N LYS D 100 7.28 -18.07 -9.29
CA LYS D 100 8.23 -18.62 -10.27
C LYS D 100 7.70 -19.82 -11.04
N SER D 101 6.66 -20.46 -10.51
CA SER D 101 6.08 -21.62 -11.15
C SER D 101 5.23 -21.29 -12.37
N GLN D 102 5.24 -22.19 -13.36
CA GLN D 102 4.41 -22.02 -14.55
C GLN D 102 3.51 -23.25 -14.62
N ASP D 103 3.45 -24.00 -13.52
CA ASP D 103 2.62 -25.19 -13.51
C ASP D 103 1.22 -24.92 -13.03
N PRO D 104 0.19 -25.16 -13.86
CA PRO D 104 -1.19 -24.91 -13.40
C PRO D 104 -1.59 -25.58 -12.07
N PHE D 105 -1.25 -26.85 -11.88
CA PHE D 105 -1.64 -27.55 -10.66
C PHE D 105 -0.95 -26.97 -9.41
N ARG D 106 0.37 -26.78 -9.47
CA ARG D 106 1.06 -26.28 -8.29
C ARG D 106 0.62 -24.85 -7.97
N ARG D 107 0.39 -24.04 -9.01
CA ARG D 107 -0.03 -22.67 -8.79
C ARG D 107 -1.39 -22.65 -8.11
N ALA D 108 -2.28 -23.55 -8.54
CA ALA D 108 -3.62 -23.63 -7.96
C ALA D 108 -3.59 -24.01 -6.49
N VAL D 109 -2.74 -24.99 -6.17
CA VAL D 109 -2.59 -25.45 -4.81
C VAL D 109 -2.07 -24.29 -3.95
N LEU D 110 -1.02 -23.64 -4.42
CA LEU D 110 -0.46 -22.50 -3.67
C LEU D 110 -1.42 -21.32 -3.56
N PHE D 111 -2.23 -21.13 -4.61
CA PHE D 111 -3.21 -20.03 -4.61
C PHE D 111 -4.10 -20.09 -3.34
N LEU D 112 -4.61 -21.27 -3.00
CA LEU D 112 -5.47 -21.43 -1.81
C LEU D 112 -4.69 -21.13 -0.53
N TYR D 113 -3.46 -21.63 -0.45
CA TYR D 113 -2.61 -21.40 0.71
C TYR D 113 -2.43 -19.89 0.91
N LEU D 114 -2.04 -19.20 -0.16
CA LEU D 114 -1.81 -17.76 -0.09
C LEU D 114 -3.09 -17.01 0.24
N ASN D 115 -4.21 -17.48 -0.29
CA ASN D 115 -5.48 -16.83 -0.04
C ASN D 115 -5.84 -16.87 1.43
N ARG D 116 -5.49 -17.95 2.12
CA ARG D 116 -5.86 -18.08 3.53
C ARG D 116 -4.80 -17.85 4.58
N TYR D 117 -3.54 -17.74 4.16
CA TYR D 117 -2.44 -17.45 5.09
C TYR D 117 -1.96 -16.02 4.88
N GLY D 118 -2.41 -15.43 3.76
CA GLY D 118 -2.00 -14.08 3.42
C GLY D 118 -2.87 -13.02 4.08
N TYR D 119 -2.40 -11.79 4.04
CA TYR D 119 -3.09 -10.67 4.65
C TYR D 119 -4.52 -10.43 4.17
N ASN D 120 -5.46 -10.58 5.10
CA ASN D 120 -6.88 -10.34 4.85
C ASN D 120 -7.48 -10.95 3.63
N GLY D 121 -6.92 -12.08 3.19
CA GLY D 121 -7.47 -12.75 2.04
C GLY D 121 -7.37 -11.95 0.75
N LEU D 122 -6.47 -10.98 0.68
CA LEU D 122 -6.29 -10.20 -0.55
C LEU D 122 -5.71 -11.05 -1.67
N CYS D 123 -6.02 -10.67 -2.90
CA CYS D 123 -5.45 -11.30 -4.08
C CYS D 123 -4.99 -10.06 -4.84
N ARG D 124 -3.68 -9.87 -4.91
CA ARG D 124 -3.11 -8.69 -5.52
C ARG D 124 -1.82 -9.04 -6.22
N TYR D 125 -1.59 -8.45 -7.40
CA TYR D 125 -0.37 -8.68 -8.18
C TYR D 125 0.25 -7.35 -8.62
N ASN D 126 1.55 -7.31 -8.84
CA ASN D 126 2.16 -6.07 -9.33
C ASN D 126 2.07 -6.11 -10.86
N LEU D 127 2.60 -5.10 -11.53
CA LEU D 127 2.52 -5.03 -12.98
C LEU D 127 3.28 -6.14 -13.71
N ARG D 128 4.22 -6.79 -13.02
CA ARG D 128 4.96 -7.89 -13.63
C ARG D 128 4.18 -9.20 -13.50
N GLY D 129 3.00 -9.14 -12.90
CA GLY D 129 2.19 -10.34 -12.72
C GLY D 129 2.54 -11.17 -11.48
N GLU D 130 3.30 -10.59 -10.56
CA GLU D 130 3.70 -11.29 -9.34
C GLU D 130 2.74 -11.00 -8.18
N PHE D 131 2.29 -12.05 -7.51
CA PHE D 131 1.42 -11.95 -6.34
C PHE D 131 2.25 -11.30 -5.25
N ASN D 132 1.76 -10.23 -4.64
CA ASN D 132 2.56 -9.54 -3.63
C ASN D 132 1.84 -9.18 -2.32
N VAL D 133 0.98 -10.09 -1.87
CA VAL D 133 0.25 -9.90 -0.62
C VAL D 133 1.15 -10.44 0.50
N PRO D 134 1.32 -9.67 1.59
CA PRO D 134 2.16 -10.13 2.70
C PRO D 134 1.50 -11.18 3.60
N PHE D 135 2.26 -11.66 4.57
CA PHE D 135 1.82 -12.68 5.53
C PHE D 135 0.67 -12.14 6.38
N GLY D 136 -0.32 -12.99 6.64
CA GLY D 136 -1.48 -12.56 7.41
C GLY D 136 -1.48 -12.88 8.91
N ARG D 137 -0.47 -13.57 9.38
CA ARG D 137 -0.38 -13.93 10.82
C ARG D 137 -1.65 -14.42 11.51
N TYR D 138 -2.33 -15.41 10.94
CA TYR D 138 -3.52 -15.99 11.55
C TYR D 138 -3.16 -17.09 12.56
N LYS D 139 -4.01 -17.29 13.57
CA LYS D 139 -3.76 -18.35 14.54
C LYS D 139 -3.79 -19.71 13.82
N LYS D 140 -4.84 -19.93 13.02
CA LYS D 140 -4.99 -21.20 12.31
C LYS D 140 -5.93 -21.06 11.11
N PRO D 141 -5.37 -20.79 9.92
CA PRO D 141 -6.28 -20.67 8.77
C PRO D 141 -7.15 -21.90 8.61
N TYR D 142 -8.42 -21.66 8.30
CA TYR D 142 -9.38 -22.74 8.08
C TYR D 142 -9.16 -23.41 6.71
N PHE D 143 -9.06 -24.74 6.67
CA PHE D 143 -8.91 -25.48 5.41
C PHE D 143 -10.32 -25.80 4.95
N PRO D 144 -10.77 -25.16 3.85
CA PRO D 144 -12.12 -25.37 3.33
C PRO D 144 -12.42 -26.69 2.63
N GLU D 145 -12.19 -27.81 3.30
CA GLU D 145 -12.43 -29.11 2.66
C GLU D 145 -13.87 -29.33 2.20
N ALA D 146 -14.84 -29.09 3.05
CA ALA D 146 -16.24 -29.29 2.65
C ALA D 146 -16.61 -28.37 1.49
N GLU D 147 -16.18 -27.11 1.59
CA GLU D 147 -16.50 -26.14 0.54
C GLU D 147 -15.89 -26.54 -0.81
N LEU D 148 -14.69 -27.10 -0.79
CA LEU D 148 -14.05 -27.53 -2.04
C LEU D 148 -14.86 -28.66 -2.69
N TYR D 149 -15.32 -29.61 -1.88
CA TYR D 149 -16.07 -30.70 -2.47
C TYR D 149 -17.42 -30.25 -3.02
N HIS D 150 -18.08 -29.36 -2.29
CA HIS D 150 -19.37 -28.83 -2.73
C HIS D 150 -19.15 -28.03 -4.05
N PHE D 151 -18.08 -27.23 -4.08
CA PHE D 151 -17.79 -26.44 -5.27
C PHE D 151 -17.64 -27.39 -6.48
N ALA D 152 -16.81 -28.42 -6.32
CA ALA D 152 -16.57 -29.39 -7.39
C ALA D 152 -17.85 -30.09 -7.84
N GLU D 153 -18.74 -30.39 -6.89
CA GLU D 153 -20.01 -31.01 -7.24
C GLU D 153 -20.85 -30.06 -8.09
N LYS D 154 -21.00 -28.82 -7.63
CA LYS D 154 -21.80 -27.84 -8.36
C LYS D 154 -21.15 -27.54 -9.71
N ALA D 155 -19.82 -27.58 -9.73
CA ALA D 155 -19.07 -27.28 -10.95
C ALA D 155 -19.31 -28.26 -12.12
N GLN D 156 -19.90 -29.42 -11.84
CA GLN D 156 -20.16 -30.38 -12.90
C GLN D 156 -21.17 -29.83 -13.92
N ASN D 157 -21.91 -28.79 -13.53
CA ASN D 157 -22.87 -28.20 -14.46
C ASN D 157 -22.41 -26.80 -14.86
N ALA D 158 -21.13 -26.52 -14.68
CA ALA D 158 -20.59 -25.19 -15.04
C ALA D 158 -19.43 -25.28 -16.00
N PHE D 159 -19.20 -24.16 -16.68
CA PHE D 159 -18.08 -24.00 -17.56
C PHE D 159 -17.45 -22.69 -17.06
N PHE D 160 -16.12 -22.70 -16.92
CA PHE D 160 -15.38 -21.53 -16.46
C PHE D 160 -14.60 -20.90 -17.61
N TYR D 161 -14.67 -19.57 -17.72
CA TYR D 161 -13.97 -18.88 -18.79
C TYR D 161 -13.11 -17.75 -18.25
N CYS D 162 -11.89 -17.61 -18.76
CA CYS D 162 -11.06 -16.49 -18.34
C CYS D 162 -11.22 -15.49 -19.49
N GLU D 163 -12.09 -14.50 -19.28
CA GLU D 163 -12.34 -13.48 -20.29
C GLU D 163 -12.97 -12.28 -19.60
N SER D 164 -12.88 -11.13 -20.25
CA SER D 164 -13.45 -9.90 -19.71
C SER D 164 -14.99 -9.93 -19.87
N TYR D 165 -15.68 -9.15 -19.06
CA TYR D 165 -17.14 -9.13 -19.04
C TYR D 165 -17.87 -9.00 -20.37
N ALA D 166 -17.38 -8.17 -21.28
CA ALA D 166 -18.09 -8.02 -22.56
C ALA D 166 -18.13 -9.34 -23.29
N ASP D 167 -17.10 -10.17 -23.12
CA ASP D 167 -17.05 -11.45 -23.81
C ASP D 167 -17.94 -12.53 -23.22
N SER D 168 -18.00 -12.63 -21.90
CA SER D 168 -18.85 -13.64 -21.29
C SER D 168 -20.33 -13.27 -21.45
N MET D 169 -20.63 -11.98 -21.36
CA MET D 169 -22.03 -11.54 -21.50
C MET D 169 -22.54 -11.79 -22.93
N ALA D 170 -21.65 -11.81 -23.91
CA ALA D 170 -22.05 -12.10 -25.29
C ALA D 170 -22.47 -13.57 -25.40
N ARG D 171 -22.18 -14.37 -24.37
CA ARG D 171 -22.54 -15.79 -24.37
C ARG D 171 -23.98 -16.03 -23.91
N ALA D 172 -24.58 -15.04 -23.26
CA ALA D 172 -25.94 -15.19 -22.78
C ALA D 172 -26.94 -15.33 -23.94
N ASP D 173 -27.95 -16.15 -23.75
CA ASP D 173 -28.96 -16.33 -24.79
C ASP D 173 -30.36 -16.36 -24.16
N ASP D 174 -31.37 -16.68 -24.96
CA ASP D 174 -32.78 -16.73 -24.54
C ASP D 174 -33.07 -17.29 -23.14
N SER D 175 -32.40 -18.37 -22.78
CA SER D 175 -32.65 -19.02 -21.50
C SER D 175 -31.68 -18.60 -20.38
N SER D 176 -30.95 -17.51 -20.60
CA SER D 176 -30.00 -17.04 -19.59
C SER D 176 -30.52 -15.93 -18.71
N VAL D 177 -29.89 -15.84 -17.55
CA VAL D 177 -30.12 -14.77 -16.58
C VAL D 177 -28.69 -14.35 -16.29
N VAL D 178 -28.41 -13.05 -16.31
CA VAL D 178 -27.06 -12.58 -16.04
C VAL D 178 -26.94 -11.84 -14.72
N TYR D 179 -25.97 -12.25 -13.91
CA TYR D 179 -25.74 -11.59 -12.63
C TYR D 179 -24.33 -10.99 -12.65
N CYS D 180 -24.26 -9.66 -12.54
CA CYS D 180 -22.98 -8.95 -12.56
C CYS D 180 -22.60 -8.32 -11.22
N ASP D 181 -21.41 -8.66 -10.74
CA ASP D 181 -20.91 -8.11 -9.50
C ASP D 181 -19.52 -7.52 -9.78
N PRO D 182 -19.49 -6.39 -10.49
CA PRO D 182 -18.24 -5.74 -10.84
C PRO D 182 -17.52 -5.18 -9.61
N PRO D 183 -16.22 -4.86 -9.76
CA PRO D 183 -15.45 -4.30 -8.64
C PRO D 183 -16.26 -3.06 -8.23
N TYR D 184 -16.36 -2.79 -6.93
CA TYR D 184 -17.13 -1.64 -6.44
C TYR D 184 -16.78 -0.30 -7.07
N ALA D 185 -17.76 0.57 -7.18
CA ALA D 185 -17.55 1.92 -7.73
C ALA D 185 -17.02 2.78 -6.58
N PRO D 186 -16.32 3.89 -6.92
CA PRO D 186 -15.77 4.79 -5.91
C PRO D 186 -16.84 5.27 -4.93
N LEU D 187 -16.56 5.20 -3.64
CA LEU D 187 -17.52 5.64 -2.64
C LEU D 187 -17.68 7.15 -2.69
N THR D 198 -4.52 2.77 -15.02
CA THR D 198 -3.87 1.70 -14.28
C THR D 198 -4.12 0.33 -14.93
N ASN D 199 -4.29 -0.66 -14.09
CA ASN D 199 -4.56 -2.00 -14.56
C ASN D 199 -5.74 -2.56 -13.77
N SER D 200 -6.81 -1.78 -13.70
CA SER D 200 -8.00 -2.13 -12.96
C SER D 200 -9.31 -1.79 -13.68
N PHE D 201 -10.42 -1.95 -12.96
CA PHE D 201 -11.76 -1.69 -13.51
C PHE D 201 -12.10 -0.19 -13.51
N THR D 202 -12.17 0.41 -14.68
CA THR D 202 -12.43 1.84 -14.79
C THR D 202 -13.88 2.29 -14.73
N LEU D 203 -14.06 3.60 -14.63
CA LEU D 203 -15.40 4.18 -14.59
C LEU D 203 -16.03 4.01 -15.97
N GLU D 204 -15.20 3.96 -17.00
CA GLU D 204 -15.73 3.76 -18.34
C GLU D 204 -16.21 2.33 -18.51
N GLN D 205 -15.54 1.37 -17.89
CA GLN D 205 -16.00 0.00 -18.01
C GLN D 205 -17.26 -0.15 -17.17
N GLN D 206 -17.35 0.59 -16.08
CA GLN D 206 -18.54 0.55 -15.22
C GLN D 206 -19.75 0.98 -16.04
N ALA D 207 -19.57 2.07 -16.80
CA ALA D 207 -20.63 2.62 -17.63
C ALA D 207 -20.95 1.66 -18.78
N HIS D 208 -19.91 1.14 -19.41
CA HIS D 208 -20.04 0.20 -20.51
C HIS D 208 -20.83 -1.07 -20.06
N LEU D 209 -20.58 -1.53 -18.84
CA LEU D 209 -21.27 -2.70 -18.32
C LEU D 209 -22.79 -2.44 -18.34
N ALA D 210 -23.19 -1.25 -17.93
CA ALA D 210 -24.60 -0.89 -17.90
C ALA D 210 -25.16 -0.88 -19.31
N GLU D 211 -24.35 -0.43 -20.25
CA GLU D 211 -24.72 -0.36 -21.66
C GLU D 211 -24.99 -1.75 -22.23
N ILE D 212 -24.14 -2.72 -21.92
CA ILE D 212 -24.31 -4.09 -22.40
C ILE D 212 -25.61 -4.64 -21.79
N ALA D 213 -25.85 -4.32 -20.53
CA ALA D 213 -27.05 -4.81 -19.85
C ALA D 213 -28.31 -4.29 -20.54
N GLU D 214 -28.28 -3.03 -20.93
CA GLU D 214 -29.43 -2.46 -21.62
C GLU D 214 -29.65 -3.20 -22.94
N GLY D 215 -28.54 -3.59 -23.56
CA GLY D 215 -28.60 -4.32 -24.82
C GLY D 215 -29.15 -5.73 -24.66
N LEU D 216 -28.82 -6.37 -23.55
CA LEU D 216 -29.31 -7.72 -23.29
C LEU D 216 -30.81 -7.73 -22.95
N VAL D 217 -31.27 -6.80 -22.12
CA VAL D 217 -32.68 -6.83 -21.76
C VAL D 217 -33.54 -6.48 -22.98
N GLU D 218 -33.01 -5.67 -23.89
CA GLU D 218 -33.73 -5.30 -25.12
C GLU D 218 -33.97 -6.61 -25.91
N ARG D 219 -33.11 -7.61 -25.67
CA ARG D 219 -33.20 -8.90 -26.32
C ARG D 219 -33.86 -9.93 -25.41
N HIS D 220 -34.53 -9.44 -24.38
CA HIS D 220 -35.25 -10.26 -23.43
C HIS D 220 -34.42 -11.14 -22.53
N ILE D 221 -33.20 -10.71 -22.24
CA ILE D 221 -32.32 -11.44 -21.32
C ILE D 221 -32.23 -10.57 -20.07
N PRO D 222 -32.71 -11.06 -18.91
CA PRO D 222 -32.65 -10.24 -17.69
C PRO D 222 -31.25 -10.13 -17.12
N VAL D 223 -30.95 -8.98 -16.54
CA VAL D 223 -29.64 -8.74 -15.95
C VAL D 223 -29.83 -8.08 -14.59
N LEU D 224 -29.12 -8.57 -13.59
CA LEU D 224 -29.14 -7.98 -12.24
C LEU D 224 -27.70 -7.58 -11.95
N ILE D 225 -27.51 -6.33 -11.54
CA ILE D 225 -26.17 -5.84 -11.21
C ILE D 225 -26.11 -5.37 -9.75
N SER D 226 -25.02 -5.68 -9.07
N SER D 226 -25.00 -5.67 -9.10
CA SER D 226 -24.85 -5.25 -7.68
CA SER D 226 -24.78 -5.26 -7.72
C SER D 226 -23.68 -4.28 -7.64
C SER D 226 -23.71 -4.19 -7.74
N ASN D 227 -23.80 -3.25 -6.82
CA ASN D 227 -22.78 -2.20 -6.72
C ASN D 227 -23.12 -1.34 -5.52
N HIS D 228 -22.26 -0.38 -5.18
CA HIS D 228 -22.59 0.51 -4.06
C HIS D 228 -23.69 1.46 -4.56
N ASP D 229 -24.41 2.07 -3.62
CA ASP D 229 -25.46 3.03 -3.98
C ASP D 229 -24.85 4.42 -3.94
N THR D 230 -24.41 4.93 -5.10
CA THR D 230 -23.83 6.26 -5.18
C THR D 230 -24.50 7.05 -6.29
N MET D 231 -24.25 8.35 -6.34
CA MET D 231 -24.85 9.19 -7.38
C MET D 231 -24.43 8.71 -8.77
N LEU D 232 -23.25 8.11 -8.89
CA LEU D 232 -22.76 7.61 -10.18
C LEU D 232 -23.46 6.32 -10.61
N THR D 233 -23.58 5.37 -9.69
CA THR D 233 -24.23 4.10 -10.03
C THR D 233 -25.70 4.35 -10.33
N ARG D 234 -26.29 5.32 -9.62
CA ARG D 234 -27.67 5.71 -9.83
C ARG D 234 -27.82 6.18 -11.28
N GLU D 235 -26.81 6.90 -11.76
CA GLU D 235 -26.81 7.40 -13.13
C GLU D 235 -26.55 6.26 -14.13
N TRP D 236 -25.50 5.47 -13.90
CA TRP D 236 -25.19 4.37 -14.82
C TRP D 236 -26.37 3.42 -15.01
N TYR D 237 -27.06 3.10 -13.91
CA TYR D 237 -28.18 2.16 -13.92
C TYR D 237 -29.54 2.85 -14.05
N GLN D 238 -29.57 4.05 -14.61
CA GLN D 238 -30.82 4.79 -14.76
C GLN D 238 -31.94 4.03 -15.48
N ARG D 239 -31.60 3.09 -16.35
CA ARG D 239 -32.64 2.35 -17.04
C ARG D 239 -33.10 1.07 -16.34
N ALA D 240 -32.62 0.83 -15.12
CA ALA D 240 -32.99 -0.37 -14.37
C ALA D 240 -33.90 -0.04 -13.20
N LYS D 241 -34.53 -1.08 -12.64
CA LYS D 241 -35.37 -0.89 -11.46
C LYS D 241 -34.36 -1.05 -10.33
N LEU D 242 -34.21 -0.01 -9.52
CA LEU D 242 -33.26 -0.02 -8.43
C LEU D 242 -33.82 -0.46 -7.09
N HIS D 243 -33.06 -1.29 -6.40
CA HIS D 243 -33.46 -1.76 -5.09
C HIS D 243 -32.30 -1.47 -4.14
N VAL D 244 -32.58 -0.74 -3.08
CA VAL D 244 -31.55 -0.41 -2.10
C VAL D 244 -31.48 -1.44 -0.98
N VAL D 245 -30.26 -1.84 -0.64
CA VAL D 245 -30.07 -2.78 0.46
C VAL D 245 -29.29 -2.02 1.53
N LYS D 246 -29.95 -1.74 2.65
CA LYS D 246 -29.36 -0.99 3.76
C LYS D 246 -28.23 -1.72 4.48
N VAL D 247 -27.04 -1.11 4.46
CA VAL D 247 -25.86 -1.66 5.12
C VAL D 247 -24.86 -0.55 5.41
N LYS D 260 -20.43 4.20 6.18
CA LYS D 260 -20.53 3.25 5.09
C LYS D 260 -21.68 3.63 4.15
N VAL D 261 -21.75 2.96 3.01
CA VAL D 261 -22.78 3.24 2.03
C VAL D 261 -23.66 2.01 1.80
N ASP D 262 -24.91 2.24 1.40
CA ASP D 262 -25.83 1.16 1.14
C ASP D 262 -25.46 0.44 -0.15
N GLU D 263 -26.04 -0.75 -0.32
CA GLU D 263 -25.80 -1.56 -1.50
C GLU D 263 -26.99 -1.34 -2.45
N LEU D 264 -26.72 -1.47 -3.74
CA LEU D 264 -27.74 -1.27 -4.76
C LEU D 264 -27.85 -2.51 -5.66
N LEU D 265 -29.06 -2.87 -6.04
CA LEU D 265 -29.27 -3.99 -6.94
C LEU D 265 -30.06 -3.40 -8.08
N ALA D 266 -29.46 -3.37 -9.26
CA ALA D 266 -30.12 -2.82 -10.42
C ALA D 266 -30.62 -3.95 -11.31
N LEU D 267 -31.94 -4.07 -11.40
CA LEU D 267 -32.55 -5.11 -12.19
C LEU D 267 -33.05 -4.63 -13.55
N TYR D 268 -32.56 -5.27 -14.62
CA TYR D 268 -33.00 -4.97 -15.98
C TYR D 268 -33.89 -6.15 -16.37
N LYS D 269 -35.19 -5.96 -16.25
CA LYS D 269 -36.13 -7.04 -16.54
C LYS D 269 -36.91 -6.80 -17.83
N PRO D 270 -36.89 -7.77 -18.74
CA PRO D 270 -37.58 -7.74 -20.05
C PRO D 270 -39.05 -7.33 -19.94
N SAH E . 17.46 9.70 9.32
CA SAH E . 16.52 10.62 8.56
CB SAH E . 16.74 10.76 7.09
CG SAH E . 18.10 11.23 6.60
SD SAH E . 17.95 11.45 4.79
C SAH E . 15.04 10.13 8.84
O SAH E . 14.87 9.14 9.57
OXT SAH E . 14.10 10.82 8.30
C5' SAH E . 19.49 12.22 4.38
C4' SAH E . 19.44 13.81 4.64
O4' SAH E . 20.75 14.25 4.22
C3' SAH E . 18.49 14.58 3.77
O3' SAH E . 17.44 15.20 4.53
C2' SAH E . 19.42 15.62 3.03
O2' SAH E . 18.80 16.86 2.86
C1' SAH E . 20.66 15.67 3.93
N9 SAH E . 21.84 16.06 3.37
C8 SAH E . 22.40 15.91 2.11
N7 SAH E . 23.59 16.42 1.97
C5 SAH E . 23.89 16.97 3.24
C6 SAH E . 25.06 17.65 3.73
N6 SAH E . 26.16 17.91 2.99
N1 SAH E . 24.99 18.04 5.04
C2 SAH E . 23.91 17.80 5.83
N3 SAH E . 22.77 17.16 5.41
C4 SAH E . 22.83 16.77 4.11
N SAH F . -19.84 -11.98 -6.49
CA SAH F . -18.44 -12.51 -6.25
CB SAH F . -17.32 -11.51 -6.22
CG SAH F . -17.06 -10.64 -7.44
SD SAH F . -15.59 -9.63 -7.03
C SAH F . -18.50 -13.31 -4.88
O SAH F . -19.58 -13.37 -4.26
OXT SAH F . -17.39 -13.85 -4.50
C5' SAH F . -15.29 -8.77 -8.56
C4' SAH F . -14.50 -9.71 -9.58
O4' SAH F . -14.29 -8.88 -10.75
C3' SAH F . -13.11 -10.12 -9.18
O3' SAH F . -13.03 -11.54 -8.94
C2' SAH F . -12.23 -9.63 -10.40
O2' SAH F . -11.18 -10.52 -10.69
C1' SAH F . -13.24 -9.48 -11.54
N9 SAH F . -12.95 -8.63 -12.53
C8 SAH F . -12.28 -7.41 -12.58
N7 SAH F . -12.22 -6.86 -13.75
C5 SAH F . -12.91 -7.75 -14.60
C6 SAH F . -13.20 -7.70 -16.01
N6 SAH F . -12.80 -6.71 -16.84
N1 SAH F . -13.92 -8.76 -16.50
C2 SAH F . -14.33 -9.80 -15.71
N3 SAH F . -14.08 -9.88 -14.38
C4 SAH F . -13.37 -8.83 -13.88
C1 GOL G . -9.03 -8.87 -3.78
O1 GOL G . -7.90 -8.66 -2.72
C2 GOL G . -9.56 -10.10 -4.13
O2 GOL G . -9.73 -10.90 -3.03
C3 GOL G . -9.66 -10.13 -5.33
O3 GOL G . -9.59 -9.64 -6.81
#